data_7TVO
#
_entry.id   7TVO
#
_cell.length_a   108.584
_cell.length_b   47.434
_cell.length_c   45.460
_cell.angle_alpha   90.000
_cell.angle_beta   97.890
_cell.angle_gamma   90.000
#
_symmetry.space_group_name_H-M   'C 1 2 1'
#
loop_
_entity.id
_entity.type
_entity.pdbx_description
1 polymer 'Viral chitosanase V-Csn E157Q mutant'
2 non-polymer GLYCEROL
3 non-polymer 'SULFATE ION'
4 water water
#
_entity_poly.entity_id   1
_entity_poly.type   'polypeptide(L)'
_entity_poly.pdbx_seq_one_letter_code
;SHMSELSEIDSVAGVTIYSVDGEPKSFVYKAGFAIDADGAPNAYAPNNGGTDFTANGGDDQGGDWWGGPVDAEGYPIKQK
IFDPFPGYYVSATAHFNPAYSEDSPYRYIDSNSIPFIVLPGNHSNGAKLGDVALVYNEKTGDNCYAIYGDVGPSSKIGQG
SVRLAQALKIDDNPKAGGTESRIVVTLVFPGSVGKWETPKRWFSHANQLTKAWGGLSRLKTLSDQL
;
_entity_poly.pdbx_strand_id   A
#
loop_
_chem_comp.id
_chem_comp.type
_chem_comp.name
_chem_comp.formula
GOL non-polymer GLYCEROL 'C3 H8 O3'
SO4 non-polymer 'SULFATE ION' 'O4 S -2'
#
# COMPACT_ATOMS: atom_id res chain seq x y z
N SER A 1 21.13 -1.80 17.31
CA SER A 1 20.53 -3.00 17.88
C SER A 1 21.28 -4.25 17.45
N HIS A 2 20.84 -5.40 17.95
CA HIS A 2 21.40 -6.67 17.50
C HIS A 2 20.71 -7.12 16.22
N MET A 3 21.37 -8.03 15.51
CA MET A 3 20.77 -8.63 14.33
C MET A 3 19.57 -9.47 14.72
N SER A 4 18.66 -9.65 13.78
CA SER A 4 17.48 -10.48 13.99
C SER A 4 17.67 -11.85 13.37
N GLU A 5 16.88 -12.80 13.86
CA GLU A 5 16.86 -14.16 13.31
CA GLU A 5 16.85 -14.16 13.32
C GLU A 5 15.73 -14.23 12.29
N LEU A 6 16.06 -14.62 11.06
CA LEU A 6 15.15 -14.59 9.94
C LEU A 6 14.96 -15.98 9.35
N SER A 7 13.72 -16.28 8.95
CA SER A 7 13.37 -17.57 8.37
C SER A 7 12.56 -17.34 7.11
N GLU A 8 13.03 -17.87 5.98
CA GLU A 8 12.31 -17.64 4.71
C GLU A 8 10.92 -18.27 4.75
N ILE A 9 9.92 -17.50 4.33
CA ILE A 9 8.56 -18.01 4.22
C ILE A 9 7.99 -17.90 2.82
N ASP A 10 8.58 -17.10 1.93
CA ASP A 10 7.99 -16.85 0.62
C ASP A 10 9.04 -16.17 -0.24
N SER A 11 8.74 -16.10 -1.53
CA SER A 11 9.60 -15.43 -2.50
C SER A 11 8.74 -14.97 -3.66
N VAL A 12 8.89 -13.70 -4.05
CA VAL A 12 8.15 -13.14 -5.17
C VAL A 12 9.11 -12.29 -5.98
N ALA A 13 9.19 -12.53 -7.29
CA ALA A 13 9.96 -11.68 -8.20
C ALA A 13 11.41 -11.50 -7.72
N GLY A 14 11.99 -12.55 -7.16
CA GLY A 14 13.38 -12.49 -6.71
C GLY A 14 13.57 -11.85 -5.36
N VAL A 15 12.51 -11.48 -4.68
CA VAL A 15 12.56 -10.89 -3.36
C VAL A 15 12.17 -11.96 -2.34
N THR A 16 13.06 -12.22 -1.40
CA THR A 16 12.76 -13.16 -0.33
C THR A 16 11.98 -12.48 0.77
N ILE A 17 10.94 -13.16 1.25
CA ILE A 17 10.11 -12.66 2.35
C ILE A 17 10.46 -13.54 3.55
N TYR A 18 10.81 -12.91 4.68
CA TYR A 18 11.28 -13.63 5.85
C TYR A 18 10.33 -13.40 7.02
N SER A 19 10.00 -14.46 7.75
CA SER A 19 9.47 -14.29 9.08
C SER A 19 10.60 -13.81 9.98
N VAL A 20 10.30 -12.84 10.84
CA VAL A 20 11.25 -12.37 11.84
C VAL A 20 10.97 -13.19 13.09
N ASP A 21 11.90 -14.06 13.45
CA ASP A 21 11.68 -14.96 14.57
C ASP A 21 11.49 -14.13 15.85
N GLY A 22 10.50 -14.51 16.64
CA GLY A 22 10.22 -13.80 17.87
C GLY A 22 8.82 -13.21 17.85
N GLU A 23 8.55 -12.36 18.84
CA GLU A 23 7.26 -11.72 19.02
C GLU A 23 7.47 -10.22 19.16
N PRO A 24 6.47 -9.41 18.76
CA PRO A 24 5.25 -9.82 18.07
C PRO A 24 5.55 -10.39 16.68
N LYS A 25 4.61 -11.21 16.20
CA LYS A 25 4.76 -11.85 14.90
C LYS A 25 4.91 -10.82 13.79
N SER A 26 5.86 -11.05 12.89
CA SER A 26 6.12 -10.11 11.81
C SER A 26 6.82 -10.82 10.67
N PHE A 27 6.71 -10.25 9.47
CA PHE A 27 7.52 -10.65 8.33
C PHE A 27 8.08 -9.41 7.66
N VAL A 28 9.13 -9.60 6.86
CA VAL A 28 9.91 -8.49 6.35
C VAL A 28 10.43 -8.82 4.95
N TYR A 29 10.56 -7.79 4.13
CA TYR A 29 11.15 -7.92 2.81
C TYR A 29 11.73 -6.58 2.39
N LYS A 30 12.79 -6.64 1.57
CA LYS A 30 13.43 -5.48 0.99
C LYS A 30 13.16 -5.49 -0.51
N ALA A 31 12.57 -4.41 -1.02
CA ALA A 31 12.12 -4.38 -2.40
C ALA A 31 12.17 -2.96 -2.92
N GLY A 32 11.89 -2.82 -4.21
CA GLY A 32 11.62 -1.52 -4.79
C GLY A 32 10.28 -0.99 -4.31
N PHE A 33 9.88 0.14 -4.91
CA PHE A 33 8.65 0.80 -4.45
C PHE A 33 7.98 1.45 -5.66
N ALA A 34 7.01 0.75 -6.24
CA ALA A 34 6.19 1.34 -7.28
C ALA A 34 5.06 2.12 -6.64
N ILE A 35 4.55 3.11 -7.36
CA ILE A 35 3.45 3.93 -6.86
C ILE A 35 2.12 3.26 -7.19
N ASP A 36 1.27 3.12 -6.20
CA ASP A 36 -0.10 2.67 -6.38
C ASP A 36 -1.00 3.86 -6.10
N ALA A 37 -1.56 4.44 -7.16
CA ALA A 37 -2.48 5.55 -7.03
C ALA A 37 -3.92 5.11 -6.78
N ASP A 38 -4.19 3.79 -6.73
CA ASP A 38 -5.54 3.31 -6.47
C ASP A 38 -6.08 3.96 -5.22
N GLY A 39 -7.36 4.33 -5.26
CA GLY A 39 -8.01 4.99 -4.17
C GLY A 39 -7.90 6.48 -4.17
N ALA A 40 -6.93 7.05 -4.87
CA ALA A 40 -6.87 8.50 -4.98
C ALA A 40 -8.02 8.97 -5.85
N PRO A 41 -8.81 9.95 -5.38
CA PRO A 41 -9.97 10.39 -6.17
C PRO A 41 -9.61 11.25 -7.37
N ASN A 42 -8.33 11.59 -7.56
CA ASN A 42 -7.90 12.27 -8.77
C ASN A 42 -7.00 11.42 -9.65
N ALA A 43 -6.91 10.11 -9.38
CA ALA A 43 -6.04 9.24 -10.18
C ALA A 43 -6.50 9.12 -11.63
N TYR A 44 -7.80 8.95 -11.85
CA TYR A 44 -8.29 8.60 -13.17
C TYR A 44 -9.47 9.47 -13.55
N ALA A 45 -9.48 9.91 -14.81
CA ALA A 45 -10.56 10.72 -15.34
C ALA A 45 -10.62 10.51 -16.84
N PRO A 46 -11.70 10.93 -17.48
CA PRO A 46 -11.74 10.87 -18.95
C PRO A 46 -10.59 11.63 -19.56
N ASN A 47 -10.16 11.19 -20.74
CA ASN A 47 -9.22 11.94 -21.57
C ASN A 47 -7.93 12.26 -20.83
N ASN A 48 -7.42 11.28 -20.09
CA ASN A 48 -6.16 11.42 -19.39
C ASN A 48 -6.16 12.61 -18.43
N GLY A 49 -7.31 12.89 -17.81
CA GLY A 49 -7.38 14.03 -16.91
C GLY A 49 -6.84 13.78 -15.51
N GLY A 50 -6.56 12.53 -15.15
CA GLY A 50 -6.13 12.20 -13.81
C GLY A 50 -4.62 12.29 -13.62
N THR A 51 -4.19 12.01 -12.38
CA THR A 51 -2.77 11.98 -12.09
C THR A 51 -2.07 10.75 -12.67
N ASP A 52 -2.82 9.73 -13.06
CA ASP A 52 -2.32 8.63 -13.85
C ASP A 52 -2.96 8.67 -15.23
N PHE A 53 -2.30 8.06 -16.21
CA PHE A 53 -2.93 7.91 -17.52
C PHE A 53 -4.16 7.00 -17.39
N THR A 54 -5.24 7.37 -18.08
CA THR A 54 -6.50 6.66 -17.92
C THR A 54 -6.35 5.17 -18.20
N ALA A 55 -5.61 4.82 -19.26
CA ALA A 55 -5.49 3.41 -19.64
C ALA A 55 -4.79 2.55 -18.60
N ASN A 56 -4.08 3.16 -17.64
CA ASN A 56 -3.51 2.34 -16.60
C ASN A 56 -4.57 1.77 -15.65
N GLY A 57 -5.80 2.26 -15.72
CA GLY A 57 -6.93 1.65 -15.05
C GLY A 57 -7.74 0.71 -15.91
N GLY A 58 -7.37 0.53 -17.17
CA GLY A 58 -8.10 -0.29 -18.11
C GLY A 58 -8.75 0.53 -19.20
N ASP A 59 -9.82 -0.03 -19.76
CA ASP A 59 -10.55 0.60 -20.84
CA ASP A 59 -10.56 0.57 -20.86
C ASP A 59 -11.78 1.27 -20.26
N ASP A 60 -11.86 2.59 -20.43
CA ASP A 60 -12.96 3.38 -19.86
C ASP A 60 -14.14 3.56 -20.81
N GLN A 61 -14.17 2.79 -21.91
CA GLN A 61 -15.22 2.92 -22.92
C GLN A 61 -16.11 1.68 -22.96
N GLY A 62 -16.25 0.98 -21.84
CA GLY A 62 -17.08 -0.20 -21.76
C GLY A 62 -16.34 -1.52 -21.76
N GLY A 63 -15.02 -1.49 -21.85
CA GLY A 63 -14.21 -2.70 -21.85
C GLY A 63 -13.77 -3.11 -20.47
N ASP A 64 -12.63 -3.80 -20.40
CA ASP A 64 -12.11 -4.27 -19.12
C ASP A 64 -11.53 -3.09 -18.34
N TRP A 65 -12.23 -2.67 -17.29
CA TRP A 65 -11.81 -1.57 -16.44
C TRP A 65 -11.60 -2.13 -15.03
N TRP A 66 -10.36 -2.08 -14.56
CA TRP A 66 -10.03 -2.56 -13.22
C TRP A 66 -9.77 -1.43 -12.24
N GLY A 67 -9.81 -0.17 -12.69
CA GLY A 67 -9.45 0.92 -11.80
C GLY A 67 -10.43 1.16 -10.67
N GLY A 68 -11.69 0.76 -10.84
CA GLY A 68 -12.70 1.00 -9.85
C GLY A 68 -14.04 0.49 -10.32
N PRO A 69 -15.09 0.83 -9.59
CA PRO A 69 -16.42 0.31 -9.91
C PRO A 69 -16.95 0.86 -11.22
N VAL A 70 -17.87 0.10 -11.82
CA VAL A 70 -18.46 0.45 -13.11
C VAL A 70 -19.98 0.45 -12.99
N ASP A 71 -20.62 1.11 -13.96
CA ASP A 71 -22.07 1.17 -14.02
C ASP A 71 -22.61 -0.07 -14.74
N ALA A 72 -23.93 -0.10 -14.95
CA ALA A 72 -24.58 -1.26 -15.54
C ALA A 72 -24.16 -1.51 -16.98
N GLU A 73 -23.54 -0.54 -17.65
CA GLU A 73 -23.06 -0.72 -19.00
C GLU A 73 -21.55 -0.86 -19.07
N GLY A 74 -20.89 -0.94 -17.91
CA GLY A 74 -19.47 -1.21 -17.86
C GLY A 74 -18.57 0.00 -17.87
N TYR A 75 -19.12 1.22 -17.87
CA TYR A 75 -18.33 2.43 -17.82
C TYR A 75 -17.96 2.76 -16.38
N PRO A 76 -16.79 3.36 -16.15
CA PRO A 76 -16.41 3.71 -14.78
C PRO A 76 -17.41 4.67 -14.16
N ILE A 77 -17.68 4.47 -12.87
CA ILE A 77 -18.51 5.39 -12.11
C ILE A 77 -17.79 6.74 -12.04
N LYS A 78 -18.53 7.81 -12.32
CA LYS A 78 -18.02 9.16 -12.17
C LYS A 78 -18.42 9.73 -10.82
N GLN A 79 -17.50 10.46 -10.21
CA GLN A 79 -17.73 11.10 -8.93
C GLN A 79 -18.78 12.20 -9.05
N LYS A 80 -19.53 12.38 -7.97
CA LYS A 80 -20.65 13.31 -7.89
C LYS A 80 -20.20 14.65 -7.31
N ILE A 81 -21.13 15.59 -7.22
CA ILE A 81 -20.84 16.92 -6.72
C ILE A 81 -20.41 16.92 -5.25
N PHE A 82 -20.73 15.86 -4.51
CA PHE A 82 -20.36 15.71 -3.11
C PHE A 82 -19.13 14.82 -2.92
N ASP A 83 -18.45 14.47 -3.99
CA ASP A 83 -17.25 13.67 -3.98
C ASP A 83 -16.03 14.57 -4.20
N PRO A 84 -14.82 14.12 -3.88
CA PRO A 84 -13.68 15.06 -3.92
C PRO A 84 -13.41 15.67 -5.29
N PHE A 85 -13.51 14.88 -6.37
CA PHE A 85 -13.19 15.34 -7.72
C PHE A 85 -14.35 15.00 -8.65
N PRO A 86 -15.39 15.84 -8.65
CA PRO A 86 -16.55 15.58 -9.51
C PRO A 86 -16.15 15.34 -10.97
N GLY A 87 -16.74 14.31 -11.57
CA GLY A 87 -16.46 13.98 -12.95
C GLY A 87 -15.25 13.09 -13.17
N TYR A 88 -14.38 12.94 -12.18
CA TYR A 88 -13.32 11.97 -12.26
C TYR A 88 -13.90 10.58 -11.96
N TYR A 89 -13.16 9.54 -12.31
CA TYR A 89 -13.64 8.20 -12.01
C TYR A 89 -13.39 7.84 -10.54
N VAL A 90 -14.23 6.95 -10.02
CA VAL A 90 -14.02 6.40 -8.69
C VAL A 90 -12.95 5.31 -8.77
N SER A 91 -11.84 5.52 -8.08
CA SER A 91 -10.75 4.56 -8.06
CA SER A 91 -10.76 4.54 -8.07
C SER A 91 -10.83 3.74 -6.77
N ALA A 92 -10.74 2.41 -6.90
CA ALA A 92 -10.91 1.51 -5.78
C ALA A 92 -9.60 0.91 -5.31
N THR A 93 -9.59 0.56 -4.02
CA THR A 93 -8.55 -0.24 -3.37
C THR A 93 -9.22 -1.50 -2.84
N ALA A 94 -8.42 -2.55 -2.64
CA ALA A 94 -8.95 -3.78 -2.08
C ALA A 94 -9.46 -3.59 -0.65
N HIS A 95 -8.74 -2.83 0.17
CA HIS A 95 -9.22 -2.49 1.50
C HIS A 95 -10.26 -1.39 1.39
N PHE A 96 -11.28 -1.43 2.24
CA PHE A 96 -12.37 -0.49 2.10
C PHE A 96 -12.99 -0.18 3.46
N ASN A 97 -13.71 0.94 3.50
CA ASN A 97 -14.47 1.37 4.66
C ASN A 97 -15.93 1.01 4.43
N PRO A 98 -16.49 0.08 5.20
CA PRO A 98 -17.86 -0.38 4.94
C PRO A 98 -18.94 0.66 5.22
N ALA A 99 -18.59 1.82 5.76
CA ALA A 99 -19.59 2.88 5.97
C ALA A 99 -20.11 3.45 4.67
N TYR A 100 -19.41 3.25 3.56
CA TYR A 100 -19.75 3.87 2.30
C TYR A 100 -20.08 2.83 1.24
N SER A 101 -20.84 3.27 0.25
CA SER A 101 -21.32 2.43 -0.85
C SER A 101 -20.21 2.15 -1.86
N GLU A 102 -20.41 1.09 -2.64
CA GLU A 102 -19.40 0.66 -3.60
CA GLU A 102 -19.43 0.64 -3.63
C GLU A 102 -19.07 1.74 -4.62
N ASP A 103 -20.04 2.59 -4.96
CA ASP A 103 -19.84 3.65 -5.94
C ASP A 103 -19.21 4.91 -5.37
N SER A 104 -18.82 4.92 -4.09
CA SER A 104 -18.33 6.13 -3.44
C SER A 104 -16.82 6.14 -3.35
N PRO A 105 -16.14 7.24 -3.69
CA PRO A 105 -14.70 7.32 -3.43
C PRO A 105 -14.37 7.19 -1.95
N TYR A 106 -15.31 7.55 -1.07
CA TYR A 106 -15.06 7.49 0.36
C TYR A 106 -15.00 6.07 0.88
N ARG A 107 -15.47 5.10 0.10
CA ARG A 107 -15.31 3.71 0.51
C ARG A 107 -13.86 3.25 0.45
N TYR A 108 -13.04 3.88 -0.37
CA TYR A 108 -11.72 3.36 -0.67
C TYR A 108 -10.65 4.17 0.07
N ILE A 109 -9.44 3.62 0.09
CA ILE A 109 -8.35 4.24 0.84
C ILE A 109 -7.65 5.26 -0.06
N ASP A 110 -7.71 6.53 0.31
CA ASP A 110 -7.17 7.60 -0.54
C ASP A 110 -5.64 7.55 -0.53
N SER A 111 -5.07 7.06 -1.64
CA SER A 111 -3.62 6.93 -1.77
CA SER A 111 -3.62 6.92 -1.73
C SER A 111 -2.89 8.25 -1.54
N ASN A 112 -3.53 9.38 -1.87
CA ASN A 112 -2.90 10.68 -1.67
C ASN A 112 -2.71 11.05 -0.20
N SER A 113 -3.52 10.49 0.70
CA SER A 113 -3.56 10.92 2.08
C SER A 113 -3.20 9.87 3.09
N ILE A 114 -3.23 8.59 2.71
CA ILE A 114 -3.07 7.48 3.64
C ILE A 114 -1.82 6.72 3.26
N PRO A 115 -0.86 6.52 4.16
CA PRO A 115 0.26 5.62 3.87
C PRO A 115 -0.24 4.19 3.85
N PHE A 116 -0.11 3.51 2.71
CA PHE A 116 -0.48 2.11 2.62
C PHE A 116 0.50 1.36 1.75
N ILE A 117 0.65 0.06 2.07
CA ILE A 117 1.44 -0.86 1.26
C ILE A 117 0.51 -1.76 0.46
N VAL A 118 1.07 -2.29 -0.63
CA VAL A 118 0.46 -3.33 -1.44
C VAL A 118 1.20 -4.63 -1.14
N LEU A 119 0.46 -5.72 -0.98
CA LEU A 119 1.05 -7.05 -0.98
C LEU A 119 0.60 -7.78 -2.23
N PRO A 120 1.42 -8.68 -2.78
CA PRO A 120 1.02 -9.38 -4.00
C PRO A 120 -0.13 -10.32 -3.73
N GLY A 121 -1.04 -10.41 -4.69
CA GLY A 121 -2.09 -11.41 -4.59
C GLY A 121 -1.50 -12.79 -4.43
N ASN A 122 -2.13 -13.60 -3.57
CA ASN A 122 -1.65 -14.95 -3.27
C ASN A 122 -0.39 -14.97 -2.40
N HIS A 123 0.05 -13.81 -1.91
CA HIS A 123 1.28 -13.69 -1.13
C HIS A 123 1.11 -12.78 0.07
N SER A 124 -0.06 -12.85 0.70
CA SER A 124 -0.30 -12.05 1.90
C SER A 124 0.43 -12.59 3.13
N ASN A 125 0.84 -13.87 3.11
CA ASN A 125 1.60 -14.45 4.21
C ASN A 125 0.95 -14.21 5.56
N GLY A 126 -0.37 -14.42 5.61
CA GLY A 126 -1.11 -14.31 6.84
C GLY A 126 -1.66 -12.94 7.16
N ALA A 127 -1.25 -11.91 6.42
CA ALA A 127 -1.77 -10.57 6.64
C ALA A 127 -3.16 -10.43 6.04
N LYS A 128 -3.98 -9.64 6.72
CA LYS A 128 -5.33 -9.29 6.28
CA LYS A 128 -5.32 -9.30 6.25
C LYS A 128 -5.39 -7.79 6.04
N LEU A 129 -6.19 -7.39 5.05
CA LEU A 129 -6.30 -5.98 4.72
C LEU A 129 -6.67 -5.18 5.97
N GLY A 130 -5.96 -4.07 6.18
CA GLY A 130 -6.09 -3.27 7.38
C GLY A 130 -5.00 -3.52 8.41
N ASP A 131 -4.30 -4.63 8.32
CA ASP A 131 -3.14 -4.87 9.19
C ASP A 131 -2.09 -3.79 8.98
N VAL A 132 -1.27 -3.55 10.01
CA VAL A 132 -0.30 -2.48 10.00
C VAL A 132 1.10 -2.98 9.72
N ALA A 133 1.96 -2.03 9.37
CA ALA A 133 3.33 -2.27 8.94
C ALA A 133 4.17 -1.05 9.30
N LEU A 134 5.48 -1.28 9.41
CA LEU A 134 6.48 -0.24 9.51
C LEU A 134 7.34 -0.29 8.26
N VAL A 135 7.51 0.86 7.60
CA VAL A 135 8.19 0.93 6.31
C VAL A 135 9.37 1.88 6.44
N TYR A 136 10.52 1.46 5.92
CA TYR A 136 11.78 2.19 6.09
C TYR A 136 12.54 2.29 4.77
N ASN A 137 13.01 3.48 4.44
CA ASN A 137 13.84 3.71 3.26
C ASN A 137 15.29 3.79 3.71
N GLU A 138 16.09 2.78 3.36
CA GLU A 138 17.48 2.73 3.81
C GLU A 138 18.35 3.81 3.17
N LYS A 139 17.92 4.42 2.06
CA LYS A 139 18.71 5.44 1.39
C LYS A 139 18.42 6.86 1.87
N THR A 140 17.26 7.08 2.48
CA THR A 140 16.93 8.40 3.00
C THR A 140 16.85 8.43 4.51
N GLY A 141 16.78 7.26 5.16
CA GLY A 141 16.56 7.17 6.58
C GLY A 141 15.14 7.46 7.02
N ASP A 142 14.19 7.59 6.09
CA ASP A 142 12.84 7.97 6.42
C ASP A 142 12.00 6.73 6.67
N ASN A 143 10.94 6.89 7.46
CA ASN A 143 10.10 5.76 7.83
C ASN A 143 8.66 6.23 7.96
N CYS A 144 7.75 5.26 7.97
CA CYS A 144 6.35 5.61 8.19
C CYS A 144 5.59 4.34 8.54
N TYR A 145 4.59 4.46 9.43
CA TYR A 145 3.65 3.38 9.62
C TYR A 145 2.64 3.37 8.47
N ALA A 146 2.13 2.19 8.13
CA ALA A 146 1.24 2.06 6.99
C ALA A 146 0.29 0.90 7.25
N ILE A 147 -0.82 0.87 6.48
CA ILE A 147 -1.69 -0.30 6.44
C ILE A 147 -1.49 -1.07 5.15
N TYR A 148 -1.76 -2.37 5.24
CA TYR A 148 -1.94 -3.21 4.05
C TYR A 148 -3.27 -2.80 3.43
N GLY A 149 -3.20 -2.05 2.32
CA GLY A 149 -4.38 -1.39 1.80
C GLY A 149 -4.82 -1.83 0.41
N ASP A 150 -3.97 -2.56 -0.31
CA ASP A 150 -4.33 -2.94 -1.68
C ASP A 150 -3.58 -4.22 -2.04
N VAL A 151 -4.07 -4.90 -3.07
CA VAL A 151 -3.55 -6.18 -3.51
C VAL A 151 -3.01 -6.02 -4.92
N GLY A 152 -1.76 -6.45 -5.14
CA GLY A 152 -1.12 -6.28 -6.42
C GLY A 152 -1.07 -7.57 -7.21
N PRO A 153 -0.46 -7.52 -8.39
CA PRO A 153 -0.26 -8.73 -9.18
C PRO A 153 0.54 -9.75 -8.38
N SER A 154 0.22 -11.03 -8.58
CA SER A 154 0.88 -12.08 -7.80
C SER A 154 2.37 -12.20 -8.12
N SER A 155 2.81 -11.63 -9.24
CA SER A 155 4.17 -11.78 -9.72
C SER A 155 5.04 -10.55 -9.45
N LYS A 156 4.53 -9.57 -8.70
CA LYS A 156 5.23 -8.32 -8.48
C LYS A 156 5.22 -8.04 -6.98
N ILE A 157 6.27 -7.38 -6.49
CA ILE A 157 6.31 -7.01 -5.08
C ILE A 157 7.03 -5.68 -4.91
N GLY A 158 6.53 -4.87 -3.98
CA GLY A 158 7.18 -3.63 -3.59
C GLY A 158 6.43 -2.46 -4.18
N GLN A 159 5.37 -2.02 -3.49
CA GLN A 159 4.50 -1.00 -4.03
CA GLN A 159 4.50 -0.98 -4.02
C GLN A 159 3.71 -0.40 -2.87
N GLY A 160 3.39 0.89 -2.98
CA GLY A 160 2.63 1.53 -1.94
C GLY A 160 2.08 2.86 -2.42
N SER A 161 1.43 3.56 -1.49
CA SER A 161 0.62 4.72 -1.84
C SER A 161 1.47 5.95 -2.12
N VAL A 162 0.82 6.93 -2.77
CA VAL A 162 1.40 8.25 -2.99
C VAL A 162 1.90 8.85 -1.69
N ARG A 163 1.06 8.82 -0.64
CA ARG A 163 1.46 9.42 0.62
C ARG A 163 2.62 8.67 1.25
N LEU A 164 2.62 7.33 1.17
CA LEU A 164 3.76 6.58 1.69
C LEU A 164 5.04 6.96 0.96
N ALA A 165 4.99 7.11 -0.36
CA ALA A 165 6.16 7.57 -1.09
C ALA A 165 6.65 8.90 -0.56
N GLN A 166 5.74 9.85 -0.35
CA GLN A 166 6.11 11.16 0.19
C GLN A 166 6.82 11.01 1.52
N ALA A 167 6.27 10.17 2.40
CA ALA A 167 6.85 10.00 3.72
C ALA A 167 8.24 9.38 3.65
N LEU A 168 8.50 8.56 2.64
CA LEU A 168 9.77 7.87 2.48
C LEU A 168 10.77 8.68 1.66
N LYS A 169 10.35 9.83 1.13
CA LYS A 169 11.14 10.63 0.19
CA LYS A 169 11.15 10.63 0.20
C LYS A 169 11.50 9.86 -1.07
N ILE A 170 10.46 9.25 -1.67
CA ILE A 170 10.50 8.63 -2.98
C ILE A 170 9.56 9.44 -3.87
N ASP A 171 9.96 9.67 -5.12
CA ASP A 171 9.14 10.44 -6.04
C ASP A 171 7.75 9.83 -6.08
N ASP A 172 6.73 10.65 -5.83
CA ASP A 172 5.37 10.17 -5.60
C ASP A 172 4.50 10.22 -6.86
N ASN A 173 5.07 10.55 -8.01
CA ASN A 173 4.25 10.81 -9.18
C ASN A 173 3.77 9.47 -9.75
N PRO A 174 2.46 9.28 -9.94
CA PRO A 174 1.98 7.99 -10.48
C PRO A 174 2.51 7.64 -11.86
N LYS A 175 2.92 8.63 -12.66
CA LYS A 175 3.33 8.38 -14.03
C LYS A 175 4.81 8.08 -14.19
N ALA A 176 5.62 8.54 -13.27
CA ALA A 176 7.07 8.41 -13.44
C ALA A 176 7.80 8.26 -12.13
N GLY A 177 7.10 8.20 -11.01
CA GLY A 177 7.70 8.12 -9.71
C GLY A 177 8.04 6.70 -9.31
N GLY A 178 8.26 6.51 -8.02
CA GLY A 178 8.67 5.22 -7.51
C GLY A 178 10.14 4.94 -7.80
N THR A 179 10.56 3.74 -7.43
CA THR A 179 11.92 3.34 -7.72
C THR A 179 11.98 1.83 -7.92
N GLU A 180 12.84 1.41 -8.83
CA GLU A 180 13.15 0.00 -8.99
C GLU A 180 14.26 -0.47 -8.07
N SER A 181 14.99 0.45 -7.45
CA SER A 181 16.06 0.03 -6.55
C SER A 181 15.46 -0.56 -5.27
N ARG A 182 16.05 -1.66 -4.82
CA ARG A 182 15.54 -2.37 -3.64
C ARG A 182 16.05 -1.68 -2.37
N ILE A 183 15.40 -0.57 -2.03
CA ILE A 183 15.82 0.30 -0.94
C ILE A 183 14.79 0.40 0.17
N VAL A 184 13.61 -0.18 0.00
CA VAL A 184 12.54 -0.07 0.98
C VAL A 184 12.40 -1.37 1.73
N VAL A 185 12.44 -1.28 3.05
CA VAL A 185 12.26 -2.43 3.93
C VAL A 185 10.87 -2.31 4.56
N THR A 186 10.05 -3.33 4.35
CA THR A 186 8.67 -3.35 4.85
C THR A 186 8.54 -4.46 5.89
N LEU A 187 8.16 -4.07 7.10
CA LEU A 187 7.93 -4.97 8.22
C LEU A 187 6.41 -5.02 8.46
N VAL A 188 5.81 -6.15 8.19
CA VAL A 188 4.36 -6.33 8.30
C VAL A 188 4.05 -7.08 9.58
N PHE A 189 3.00 -6.64 10.29
CA PHE A 189 2.50 -7.32 11.48
C PHE A 189 1.21 -8.06 11.13
N PRO A 190 1.29 -9.31 10.66
CA PRO A 190 0.05 -10.00 10.27
C PRO A 190 -0.80 -10.29 11.50
N GLY A 191 -2.12 -10.17 11.34
CA GLY A 191 -3.02 -10.38 12.44
C GLY A 191 -3.18 -9.20 13.37
N SER A 192 -2.61 -8.05 13.02
CA SER A 192 -2.60 -6.91 13.91
C SER A 192 -3.92 -6.14 13.97
N VAL A 193 -4.67 -6.07 12.87
CA VAL A 193 -5.91 -5.29 12.84
C VAL A 193 -7.01 -6.03 12.08
N GLY A 194 -6.81 -6.24 10.78
CA GLY A 194 -7.71 -7.08 10.01
C GLY A 194 -9.09 -6.50 9.79
N LYS A 195 -9.22 -5.18 9.82
CA LYS A 195 -10.50 -4.51 9.58
C LYS A 195 -10.18 -3.05 9.29
N TRP A 196 -11.18 -2.33 8.77
CA TRP A 196 -11.08 -0.88 8.68
C TRP A 196 -11.21 -0.25 10.06
N GLU A 197 -10.34 0.73 10.34
CA GLU A 197 -10.54 1.60 11.48
C GLU A 197 -9.91 2.95 11.17
N THR A 198 -10.17 3.93 12.03
CA THR A 198 -9.64 5.26 11.75
C THR A 198 -8.12 5.22 11.68
N PRO A 199 -7.52 6.09 10.87
CA PRO A 199 -6.05 6.14 10.82
C PRO A 199 -5.44 6.44 12.17
N LYS A 200 -6.03 7.31 12.98
CA LYS A 200 -5.46 7.56 14.31
C LYS A 200 -5.35 6.26 15.09
N ARG A 201 -6.37 5.41 15.01
CA ARG A 201 -6.35 4.15 15.75
C ARG A 201 -5.32 3.17 15.20
N TRP A 202 -5.29 2.94 13.89
CA TRP A 202 -4.32 1.96 13.41
C TRP A 202 -2.89 2.47 13.53
N PHE A 203 -2.68 3.77 13.38
CA PHE A 203 -1.35 4.33 13.55
C PHE A 203 -0.86 4.11 14.98
N SER A 204 -1.75 4.34 15.96
CA SER A 204 -1.36 4.11 17.34
C SER A 204 -1.04 2.62 17.57
N HIS A 205 -1.83 1.73 16.96
CA HIS A 205 -1.55 0.31 17.13
C HIS A 205 -0.22 -0.08 16.50
N ALA A 206 0.08 0.47 15.32
CA ALA A 206 1.38 0.25 14.69
C ALA A 206 2.50 0.73 15.59
N ASN A 207 2.30 1.88 16.24
CA ASN A 207 3.29 2.42 17.16
C ASN A 207 3.52 1.51 18.34
N GLN A 208 2.44 0.97 18.91
CA GLN A 208 2.58 0.08 20.05
C GLN A 208 3.28 -1.22 19.67
N LEU A 209 2.92 -1.79 18.51
CA LEU A 209 3.58 -3.01 18.06
C LEU A 209 5.05 -2.76 17.78
N THR A 210 5.36 -1.63 17.15
CA THR A 210 6.75 -1.31 16.83
C THR A 210 7.57 -1.15 18.09
N LYS A 211 7.03 -0.45 19.09
CA LYS A 211 7.74 -0.32 20.37
C LYS A 211 7.99 -1.70 20.98
N ALA A 212 6.97 -2.55 21.01
CA ALA A 212 7.14 -3.88 21.59
C ALA A 212 8.18 -4.69 20.83
N TRP A 213 8.24 -4.50 19.51
CA TRP A 213 9.12 -5.26 18.65
C TRP A 213 10.58 -4.79 18.74
N GLY A 214 10.82 -3.57 19.21
CA GLY A 214 12.18 -3.07 19.34
C GLY A 214 12.47 -1.79 18.58
N GLY A 215 11.47 -1.23 17.90
CA GLY A 215 11.61 0.08 17.32
C GLY A 215 12.34 0.10 16.01
N LEU A 216 12.39 1.30 15.45
CA LEU A 216 13.12 1.52 14.21
CA LEU A 216 13.12 1.55 14.21
C LEU A 216 14.57 1.11 14.33
N SER A 217 15.18 1.27 15.51
CA SER A 217 16.57 0.88 15.65
CA SER A 217 16.57 0.88 15.68
C SER A 217 16.78 -0.57 15.27
N ARG A 218 15.88 -1.45 15.68
CA ARG A 218 16.01 -2.86 15.30
C ARG A 218 15.82 -3.07 13.81
N LEU A 219 14.87 -2.35 13.20
CA LEU A 219 14.63 -2.51 11.77
C LEU A 219 15.80 -1.98 10.95
N LYS A 220 16.44 -0.91 11.43
CA LYS A 220 17.61 -0.37 10.75
C LYS A 220 18.72 -1.42 10.69
N THR A 221 18.99 -2.09 11.80
CA THR A 221 19.99 -3.15 11.82
C THR A 221 19.56 -4.30 10.92
N LEU A 222 18.28 -4.67 10.98
CA LEU A 222 17.78 -5.76 10.17
C LEU A 222 17.93 -5.45 8.68
N SER A 223 17.76 -4.18 8.29
CA SER A 223 17.88 -3.84 6.88
CA SER A 223 17.88 -3.81 6.88
C SER A 223 19.24 -4.22 6.30
N ASP A 224 20.29 -4.17 7.13
CA ASP A 224 21.62 -4.52 6.66
C ASP A 224 21.76 -6.02 6.40
N GLN A 225 20.82 -6.83 6.87
CA GLN A 225 20.83 -8.28 6.68
C GLN A 225 20.12 -8.70 5.39
N LEU A 226 19.37 -7.79 4.77
CA LEU A 226 18.51 -8.13 3.64
C LEU A 226 19.07 -7.66 2.30
C1 GOL B . 5.35 10.57 11.28
C1 GOL B . 5.49 11.14 11.20
O1 GOL B . 4.85 11.78 10.80
O1 GOL B . 4.49 10.38 11.80
C2 GOL B . 6.53 10.17 10.37
C2 GOL B . 6.43 10.20 10.41
O2 GOL B . 7.19 9.04 10.83
O2 GOL B . 6.77 9.05 11.13
C3 GOL B . 5.89 9.94 8.98
C3 GOL B . 5.68 9.88 9.10
O3 GOL B . 6.94 9.84 8.06
O3 GOL B . 6.64 9.52 8.17
C1 GOL C . 5.11 3.29 -10.87
O1 GOL C . 5.89 3.64 -9.80
C2 GOL C . 5.19 4.45 -11.89
O2 GOL C . 6.51 4.79 -12.21
C3 GOL C . 4.43 3.90 -13.11
O3 GOL C . 4.26 4.95 -13.98
C1 GOL D . -25.84 1.45 -2.28
O1 GOL D . -25.93 2.79 -1.89
C2 GOL D . -24.78 0.75 -1.38
O2 GOL D . -25.28 0.34 -0.17
C3 GOL D . -24.16 -0.40 -2.24
O3 GOL D . -22.78 -0.48 -1.96
C1 GOL E . 3.86 -15.06 8.37
O1 GOL E . 2.73 -14.48 8.96
C2 GOL E . 4.66 -15.71 9.51
O2 GOL E . 5.61 -16.60 9.03
C3 GOL E . 5.31 -14.53 10.27
O3 GOL E . 5.93 -15.08 11.39
S SO4 F . -2.47 -12.34 -10.81
O1 SO4 F . -2.91 -12.12 -9.43
O2 SO4 F . -1.50 -11.33 -11.19
O3 SO4 F . -3.63 -12.26 -11.70
O4 SO4 F . -1.87 -13.66 -10.93
#